data_2BU1
#
_entry.id   2BU1
#
_cell.length_a   288.000
_cell.length_b   288.000
_cell.length_c   653.000
_cell.angle_alpha   90.00
_cell.angle_beta   90.00
_cell.angle_gamma   120.00
#
_symmetry.space_group_name_H-M   'H 3 2'
#
loop_
_entity.id
_entity.type
_entity.pdbx_description
1 polymer 'MS2 COAT PROTEIN'
2 polymer "5'-R(*AP*CP*AP*UP*GP*AP*GP*GP*AP*UP *5BU*AP*CP*CP*CP*AP*UP*GP*U)-3'"
3 water water
#
loop_
_entity_poly.entity_id
_entity_poly.type
_entity_poly.pdbx_seq_one_letter_code
_entity_poly.pdbx_strand_id
1 'polypeptide(L)'
;ASNFTQFVLVDNGGTGDVTVAPSNFANGVAEWISSNSRSQAYKVTCSVRQSSAQNRKYTIKVEVPKVATQTVGGVELPVA
AWRSYLNMELTIPIFATNSDCELIVKAMQGLLKDGNPIPSAIAANSGIY
;
A,B,C
2 'polyribonucleotide' ACAUGAGGAU(5BU)ACCCAUGU R,S
#
loop_
_chem_comp.id
_chem_comp.type
_chem_comp.name
_chem_comp.formula
5BU RNA linking 5-BROMO-URIDINE-5'-MONOPHOSPHATE 'C9 H12 Br N2 O9 P'
A RNA linking ADENOSINE-5'-MONOPHOSPHATE 'C10 H14 N5 O7 P'
C RNA linking CYTIDINE-5'-MONOPHOSPHATE 'C9 H14 N3 O8 P'
G RNA linking GUANOSINE-5'-MONOPHOSPHATE 'C10 H14 N5 O8 P'
U RNA linking URIDINE-5'-MONOPHOSPHATE 'C9 H13 N2 O9 P'
#
# COMPACT_ATOMS: atom_id res chain seq x y z
N ALA A 1 16.08 6.40 -8.09
CA ALA A 1 15.28 5.38 -7.37
C ALA A 1 13.90 5.89 -6.93
N SER A 2 13.13 4.97 -6.35
CA SER A 2 11.78 5.19 -5.85
C SER A 2 11.35 3.76 -5.63
N ASN A 3 10.94 3.40 -4.43
CA ASN A 3 10.55 2.02 -4.20
C ASN A 3 9.06 1.79 -4.37
N PHE A 4 8.32 2.84 -4.75
CA PHE A 4 6.88 2.73 -4.94
C PHE A 4 6.62 2.22 -6.35
N THR A 5 6.87 0.94 -6.57
CA THR A 5 6.69 0.33 -7.88
C THR A 5 5.71 -0.83 -7.83
N GLN A 6 5.33 -1.34 -8.99
CA GLN A 6 4.42 -2.46 -9.03
C GLN A 6 5.23 -3.72 -8.77
N PHE A 7 4.56 -4.77 -8.31
CA PHE A 7 5.22 -6.03 -8.03
C PHE A 7 4.24 -7.19 -8.11
N VAL A 8 4.78 -8.39 -8.20
CA VAL A 8 3.96 -9.58 -8.28
C VAL A 8 3.56 -10.02 -6.86
N LEU A 9 2.29 -9.89 -6.52
CA LEU A 9 1.81 -10.28 -5.19
C LEU A 9 1.65 -11.80 -5.15
N VAL A 10 1.05 -12.36 -6.18
CA VAL A 10 0.84 -13.80 -6.26
C VAL A 10 1.58 -14.34 -7.48
N ASP A 11 2.59 -15.15 -7.22
CA ASP A 11 3.39 -15.74 -8.28
C ASP A 11 2.83 -17.12 -8.67
N ASN A 12 2.07 -17.17 -9.76
CA ASN A 12 1.52 -18.44 -10.25
C ASN A 12 2.38 -18.87 -11.43
N GLY A 13 3.67 -18.56 -11.33
CA GLY A 13 4.60 -18.90 -12.38
C GLY A 13 4.22 -18.33 -13.74
N GLY A 14 4.49 -17.04 -13.95
CA GLY A 14 4.20 -16.38 -15.22
C GLY A 14 2.82 -16.42 -15.91
N THR A 15 1.95 -17.37 -15.57
CA THR A 15 0.62 -17.47 -16.19
C THR A 15 -0.53 -17.45 -15.18
N GLY A 16 -1.13 -16.28 -14.99
CA GLY A 16 -2.21 -16.14 -14.02
C GLY A 16 -1.66 -15.39 -12.80
N ASP A 17 -0.51 -14.75 -12.99
CA ASP A 17 0.13 -13.98 -11.92
C ASP A 17 -0.75 -12.82 -11.50
N VAL A 18 -0.73 -12.48 -10.21
CA VAL A 18 -1.49 -11.34 -9.73
C VAL A 18 -0.48 -10.24 -9.44
N THR A 19 -0.40 -9.25 -10.33
CA THR A 19 0.51 -8.14 -10.11
C THR A 19 -0.32 -7.03 -9.49
N VAL A 20 0.33 -6.18 -8.72
CA VAL A 20 -0.34 -5.11 -8.03
C VAL A 20 0.45 -3.83 -8.33
N ALA A 21 -0.25 -2.74 -8.64
CA ALA A 21 0.42 -1.49 -8.98
C ALA A 21 0.06 -0.30 -8.09
N PRO A 22 0.98 0.66 -7.95
CA PRO A 22 0.78 1.86 -7.14
C PRO A 22 -0.53 2.51 -7.55
N SER A 23 -1.34 2.91 -6.57
CA SER A 23 -2.62 3.52 -6.89
C SER A 23 -3.00 4.73 -6.06
N ASN A 24 -2.28 5.00 -4.97
CA ASN A 24 -2.60 6.15 -4.14
C ASN A 24 -1.62 6.34 -3.01
N PHE A 25 -1.41 7.58 -2.59
CA PHE A 25 -0.49 7.88 -1.50
C PHE A 25 -1.08 8.96 -0.61
N ALA A 26 -2.39 9.17 -0.73
CA ALA A 26 -3.06 10.17 0.06
C ALA A 26 -2.94 9.85 1.55
N ASN A 27 -2.76 10.89 2.36
CA ASN A 27 -2.66 10.75 3.81
C ASN A 27 -1.51 9.86 4.33
N GLY A 28 -0.45 9.73 3.55
CA GLY A 28 0.68 8.94 4.00
C GLY A 28 0.50 7.43 3.96
N VAL A 29 -0.57 6.96 3.32
CA VAL A 29 -0.80 5.54 3.22
C VAL A 29 -0.55 5.14 1.77
N ALA A 30 0.52 4.38 1.55
CA ALA A 30 0.82 3.92 0.20
C ALA A 30 -0.15 2.79 -0.13
N GLU A 31 -0.74 2.85 -1.31
CA GLU A 31 -1.70 1.84 -1.74
C GLU A 31 -1.33 1.22 -3.07
N TRP A 32 -1.67 -0.05 -3.22
CA TRP A 32 -1.43 -0.82 -4.44
C TRP A 32 -2.71 -1.62 -4.69
N ILE A 33 -3.11 -1.76 -5.94
CA ILE A 33 -4.30 -2.54 -6.28
C ILE A 33 -4.05 -3.25 -7.62
N SER A 34 -4.74 -4.37 -7.84
CA SER A 34 -4.58 -5.10 -9.09
C SER A 34 -5.49 -4.48 -10.16
N SER A 35 -5.27 -4.84 -11.42
CA SER A 35 -6.08 -4.32 -12.53
C SER A 35 -7.45 -4.95 -12.53
N ASN A 36 -8.32 -4.47 -11.66
CA ASN A 36 -9.67 -4.99 -11.55
C ASN A 36 -10.59 -3.87 -11.17
N SER A 37 -11.88 -4.16 -11.12
CA SER A 37 -12.80 -3.16 -10.69
C SER A 37 -12.41 -3.04 -9.22
N ARG A 38 -12.69 -1.90 -8.61
CA ARG A 38 -12.33 -1.68 -7.22
C ARG A 38 -13.06 -2.65 -6.28
N SER A 39 -14.15 -3.24 -6.75
CA SER A 39 -14.91 -4.17 -5.92
C SER A 39 -14.31 -5.58 -5.92
N GLN A 40 -13.44 -5.87 -6.89
CA GLN A 40 -12.82 -7.19 -6.98
C GLN A 40 -11.31 -7.15 -6.88
N ALA A 41 -10.74 -5.99 -6.61
CA ALA A 41 -9.29 -5.88 -6.57
C ALA A 41 -8.57 -6.38 -5.33
N TYR A 42 -7.35 -6.85 -5.55
CA TYR A 42 -6.48 -7.26 -4.47
C TYR A 42 -6.01 -5.90 -4.00
N LYS A 43 -5.67 -5.77 -2.73
CA LYS A 43 -5.25 -4.48 -2.22
C LYS A 43 -4.16 -4.62 -1.19
N VAL A 44 -3.16 -3.76 -1.27
CA VAL A 44 -2.05 -3.75 -0.34
C VAL A 44 -1.83 -2.31 0.10
N THR A 45 -1.70 -2.09 1.40
CA THR A 45 -1.44 -0.74 1.90
C THR A 45 -0.27 -0.79 2.88
N CYS A 46 0.44 0.32 2.97
CA CYS A 46 1.59 0.40 3.85
C CYS A 46 1.81 1.82 4.34
N SER A 47 2.10 1.95 5.63
CA SER A 47 2.40 3.26 6.20
C SER A 47 3.44 3.09 7.31
N VAL A 48 4.20 4.14 7.57
CA VAL A 48 5.23 4.12 8.60
C VAL A 48 5.04 5.34 9.47
N ARG A 49 5.22 5.16 10.76
CA ARG A 49 5.06 6.25 11.69
C ARG A 49 6.07 6.11 12.81
N GLN A 50 6.53 7.24 13.34
CA GLN A 50 7.45 7.20 14.46
C GLN A 50 6.50 7.19 15.66
N SER A 51 6.05 5.97 16.02
CA SER A 51 5.08 5.71 17.09
C SER A 51 5.48 6.04 18.53
N SER A 52 6.76 6.35 18.73
CA SER A 52 7.25 6.69 20.05
C SER A 52 8.54 7.46 19.85
N ALA A 53 9.14 7.89 20.94
CA ALA A 53 10.39 8.63 20.83
C ALA A 53 11.43 7.69 20.21
N GLN A 54 11.37 6.41 20.61
CA GLN A 54 12.37 5.46 20.17
C GLN A 54 11.96 4.25 19.34
N ASN A 55 10.81 4.33 18.70
CA ASN A 55 10.30 3.24 17.87
C ASN A 55 9.74 3.78 16.59
N ARG A 56 9.67 2.91 15.60
CA ARG A 56 9.06 3.24 14.32
C ARG A 56 8.16 2.04 14.10
N LYS A 57 6.99 2.29 13.54
CA LYS A 57 6.04 1.21 13.33
C LYS A 57 5.48 1.17 11.92
N TYR A 58 5.62 0.02 11.29
CA TYR A 58 5.09 -0.20 9.95
C TYR A 58 3.74 -0.89 10.10
N THR A 59 2.75 -0.38 9.38
CA THR A 59 1.42 -0.98 9.37
C THR A 59 1.17 -1.39 7.93
N ILE A 60 1.03 -2.69 7.72
CA ILE A 60 0.83 -3.25 6.40
C ILE A 60 -0.47 -4.03 6.35
N LYS A 61 -1.21 -3.88 5.28
CA LYS A 61 -2.48 -4.59 5.11
C LYS A 61 -2.59 -5.18 3.71
N VAL A 62 -3.12 -6.40 3.63
CA VAL A 62 -3.32 -7.07 2.36
C VAL A 62 -4.72 -7.64 2.32
N GLU A 63 -5.42 -7.43 1.21
CA GLU A 63 -6.77 -7.94 1.03
C GLU A 63 -6.79 -8.89 -0.16
N VAL A 64 -7.19 -10.14 0.08
CA VAL A 64 -7.27 -11.14 -0.97
C VAL A 64 -8.74 -11.48 -1.17
N PRO A 65 -9.31 -11.12 -2.33
CA PRO A 65 -10.72 -11.40 -2.60
C PRO A 65 -11.05 -12.70 -3.31
N LYS A 66 -12.28 -13.16 -3.12
CA LYS A 66 -12.80 -14.33 -3.78
C LYS A 66 -13.79 -13.69 -4.77
N VAL A 67 -13.35 -13.53 -6.02
CA VAL A 67 -14.19 -12.90 -7.04
C VAL A 67 -15.42 -13.72 -7.41
N ALA A 68 -16.48 -13.02 -7.77
CA ALA A 68 -17.74 -13.66 -8.13
C ALA A 68 -18.61 -12.65 -8.88
N THR A 69 -19.62 -13.16 -9.59
CA THR A 69 -20.55 -12.32 -10.32
C THR A 69 -21.90 -12.45 -9.64
N GLN A 70 -22.41 -11.34 -9.11
CA GLN A 70 -23.68 -11.37 -8.41
C GLN A 70 -24.83 -10.63 -9.11
N THR A 71 -26.02 -11.23 -9.09
CA THR A 71 -27.21 -10.65 -9.70
C THR A 71 -27.99 -9.85 -8.66
N VAL A 72 -27.91 -8.51 -8.75
CA VAL A 72 -28.61 -7.62 -7.82
C VAL A 72 -29.72 -6.87 -8.59
N GLY A 73 -30.97 -7.10 -8.21
CA GLY A 73 -32.08 -6.44 -8.88
C GLY A 73 -32.17 -6.83 -10.35
N GLY A 74 -31.79 -8.07 -10.68
CA GLY A 74 -31.85 -8.54 -12.06
C GLY A 74 -30.64 -8.24 -12.95
N VAL A 75 -29.68 -7.46 -12.44
CA VAL A 75 -28.48 -7.12 -13.21
C VAL A 75 -27.19 -7.74 -12.65
N GLU A 76 -26.28 -8.15 -13.54
CA GLU A 76 -25.01 -8.76 -13.12
C GLU A 76 -23.88 -7.78 -12.82
N LEU A 77 -23.37 -7.84 -11.58
CA LEU A 77 -22.30 -6.96 -11.14
C LEU A 77 -21.05 -7.74 -10.69
N PRO A 78 -19.84 -7.23 -11.01
CA PRO A 78 -18.62 -7.92 -10.60
C PRO A 78 -18.45 -7.57 -9.11
N VAL A 79 -18.40 -8.59 -8.26
CA VAL A 79 -18.30 -8.35 -6.83
C VAL A 79 -17.32 -9.32 -6.17
N ALA A 80 -17.18 -9.25 -4.85
CA ALA A 80 -16.29 -10.16 -4.13
C ALA A 80 -17.14 -10.96 -3.15
N ALA A 81 -17.19 -12.28 -3.34
CA ALA A 81 -17.99 -13.14 -2.47
C ALA A 81 -17.58 -12.89 -1.02
N TRP A 82 -16.29 -12.78 -0.80
CA TRP A 82 -15.73 -12.51 0.51
C TRP A 82 -14.27 -12.15 0.36
N ARG A 83 -13.67 -11.66 1.43
CA ARG A 83 -12.28 -11.27 1.42
C ARG A 83 -11.54 -11.81 2.64
N SER A 84 -10.27 -12.10 2.44
CA SER A 84 -9.40 -12.55 3.51
C SER A 84 -8.51 -11.34 3.81
N TYR A 85 -8.23 -11.08 5.08
CA TYR A 85 -7.41 -9.93 5.44
C TYR A 85 -6.17 -10.25 6.25
N LEU A 86 -5.06 -9.61 5.90
CA LEU A 86 -3.80 -9.77 6.63
C LEU A 86 -3.43 -8.41 7.19
N ASN A 87 -3.34 -8.32 8.51
CA ASN A 87 -2.95 -7.07 9.14
C ASN A 87 -1.66 -7.32 9.90
N MET A 88 -0.62 -6.58 9.59
CA MET A 88 0.61 -6.76 10.33
C MET A 88 1.22 -5.45 10.77
N GLU A 89 1.76 -5.46 11.98
CA GLU A 89 2.41 -4.29 12.54
C GLU A 89 3.79 -4.70 12.97
N LEU A 90 4.78 -3.93 12.56
CA LEU A 90 6.15 -4.22 12.86
C LEU A 90 6.76 -3.03 13.60
N THR A 91 7.19 -3.24 14.84
CA THR A 91 7.80 -2.19 15.64
C THR A 91 9.31 -2.42 15.69
N ILE A 92 10.07 -1.46 15.18
CA ILE A 92 11.52 -1.56 15.13
C ILE A 92 12.15 -0.41 15.89
N PRO A 93 13.08 -0.69 16.81
CA PRO A 93 13.72 0.40 17.55
C PRO A 93 14.59 1.29 16.65
N ILE A 94 14.66 2.57 16.96
CA ILE A 94 15.46 3.48 16.15
C ILE A 94 16.94 3.11 16.15
N PHE A 95 17.35 2.24 17.07
CA PHE A 95 18.75 1.83 17.16
C PHE A 95 19.15 0.71 16.22
N ALA A 96 18.19 0.16 15.47
CA ALA A 96 18.49 -0.90 14.54
C ALA A 96 19.22 -0.36 13.31
N THR A 97 20.37 -0.94 12.98
CA THR A 97 21.09 -0.49 11.81
C THR A 97 20.42 -1.16 10.60
N ASN A 98 20.94 -0.88 9.40
CA ASN A 98 20.39 -1.45 8.20
C ASN A 98 20.53 -2.97 8.21
N SER A 99 21.65 -3.46 8.76
CA SER A 99 21.86 -4.91 8.80
C SER A 99 20.94 -5.57 9.82
N ASP A 100 20.56 -4.83 10.86
CA ASP A 100 19.63 -5.38 11.86
C ASP A 100 18.27 -5.54 11.19
N CYS A 101 17.92 -4.59 10.34
CA CYS A 101 16.64 -4.61 9.64
C CYS A 101 16.56 -5.71 8.59
N GLU A 102 17.69 -6.01 7.96
CA GLU A 102 17.76 -7.07 6.95
C GLU A 102 17.47 -8.40 7.62
N LEU A 103 17.88 -8.48 8.88
CA LEU A 103 17.69 -9.68 9.69
C LEU A 103 16.21 -9.90 9.92
N ILE A 104 15.48 -8.81 10.15
CA ILE A 104 14.04 -8.88 10.36
C ILE A 104 13.37 -9.33 9.07
N VAL A 105 13.79 -8.78 7.94
CA VAL A 105 13.20 -9.16 6.67
C VAL A 105 13.41 -10.66 6.41
N LYS A 106 14.64 -11.14 6.63
CA LYS A 106 14.94 -12.55 6.44
C LYS A 106 14.08 -13.45 7.33
N ALA A 107 13.86 -13.02 8.56
CA ALA A 107 13.05 -13.79 9.50
C ALA A 107 11.63 -13.93 8.98
N MET A 108 11.10 -12.86 8.40
CA MET A 108 9.73 -12.90 7.87
C MET A 108 9.64 -13.81 6.66
N GLN A 109 10.69 -13.82 5.84
CA GLN A 109 10.70 -14.67 4.65
C GLN A 109 10.82 -16.14 5.06
N GLY A 110 11.65 -16.41 6.06
CA GLY A 110 11.82 -17.77 6.52
C GLY A 110 10.55 -18.29 7.17
N LEU A 111 9.84 -17.40 7.85
CA LEU A 111 8.60 -17.76 8.52
C LEU A 111 7.56 -18.32 7.55
N LEU A 112 7.48 -17.74 6.37
CA LEU A 112 6.50 -18.13 5.36
C LEU A 112 6.96 -19.02 4.21
N LYS A 113 8.20 -19.48 4.26
CA LYS A 113 8.72 -20.32 3.19
C LYS A 113 7.95 -21.65 3.09
N ASP A 114 7.70 -22.11 1.86
CA ASP A 114 6.99 -23.38 1.66
C ASP A 114 7.61 -24.52 2.44
N GLY A 115 6.76 -25.34 3.03
CA GLY A 115 7.26 -26.48 3.79
C GLY A 115 7.43 -26.22 5.26
N ASN A 116 7.54 -24.95 5.66
CA ASN A 116 7.69 -24.65 7.08
C ASN A 116 6.35 -24.77 7.80
N PRO A 117 6.36 -24.91 9.12
CA PRO A 117 5.16 -25.06 9.94
C PRO A 117 3.96 -24.14 9.69
N ILE A 118 4.14 -22.84 9.89
CA ILE A 118 3.04 -21.91 9.71
C ILE A 118 2.39 -21.89 8.34
N PRO A 119 3.16 -21.72 7.25
CA PRO A 119 2.45 -21.73 5.97
C PRO A 119 1.75 -23.07 5.70
N SER A 120 2.28 -24.16 6.26
CA SER A 120 1.69 -25.48 6.08
C SER A 120 0.35 -25.62 6.79
N ALA A 121 0.26 -25.07 7.99
CA ALA A 121 -0.98 -25.14 8.73
C ALA A 121 -2.07 -24.34 8.02
N ILE A 122 -1.75 -23.11 7.65
CA ILE A 122 -2.71 -22.24 6.99
C ILE A 122 -3.26 -22.87 5.71
N ALA A 123 -2.36 -23.33 4.85
CA ALA A 123 -2.76 -23.93 3.58
C ALA A 123 -3.62 -25.18 3.75
N ALA A 124 -3.58 -25.80 4.92
CA ALA A 124 -4.35 -27.00 5.15
C ALA A 124 -5.54 -26.82 6.08
N ASN A 125 -5.90 -25.57 6.37
CA ASN A 125 -7.02 -25.29 7.26
C ASN A 125 -6.85 -26.06 8.57
N SER A 126 -5.65 -26.00 9.11
CA SER A 126 -5.37 -26.70 10.36
C SER A 126 -4.58 -25.84 11.32
N GLY A 127 -4.45 -26.32 12.56
CA GLY A 127 -3.69 -25.60 13.55
C GLY A 127 -2.28 -26.17 13.63
N ILE A 128 -1.55 -25.80 14.67
CA ILE A 128 -0.21 -26.32 14.87
C ILE A 128 -0.30 -27.44 15.89
N TYR A 129 0.30 -28.58 15.57
CA TYR A 129 0.26 -29.72 16.50
C TYR A 129 1.37 -30.72 16.19
N ALA B 1 -0.23 -34.97 9.44
CA ALA B 1 1.06 -34.22 9.32
C ALA B 1 1.36 -33.38 10.57
N SER B 2 2.07 -34.00 11.53
CA SER B 2 2.46 -33.26 12.73
C SER B 2 3.40 -32.16 12.29
N ASN B 3 2.92 -30.92 12.29
CA ASN B 3 3.74 -29.79 11.85
C ASN B 3 4.52 -29.00 12.88
N PHE B 4 4.38 -29.32 14.15
CA PHE B 4 5.08 -28.58 15.19
C PHE B 4 6.53 -29.04 15.29
N THR B 5 7.35 -28.59 14.34
CA THR B 5 8.75 -28.97 14.33
C THR B 5 9.69 -27.78 14.17
N GLN B 6 10.96 -28.08 14.35
CA GLN B 6 12.06 -27.14 14.23
C GLN B 6 12.14 -26.66 12.78
N PHE B 7 12.56 -25.42 12.56
CA PHE B 7 12.70 -24.89 11.21
C PHE B 7 13.67 -23.72 11.16
N VAL B 8 14.17 -23.43 9.96
CA VAL B 8 15.11 -22.34 9.76
C VAL B 8 14.37 -21.02 9.57
N LEU B 9 14.53 -20.12 10.55
CA LEU B 9 13.87 -18.83 10.49
C LEU B 9 14.69 -17.85 9.66
N VAL B 10 16.00 -17.83 9.89
CA VAL B 10 16.89 -16.94 9.16
C VAL B 10 17.90 -17.76 8.35
N ASP B 11 17.71 -17.75 7.04
CA ASP B 11 18.57 -18.48 6.11
C ASP B 11 19.76 -17.62 5.70
N ASN B 12 20.94 -17.92 6.24
CA ASN B 12 22.14 -17.18 5.88
C ASN B 12 23.06 -17.95 4.94
N GLY B 13 22.51 -18.91 4.22
CA GLY B 13 23.29 -19.67 3.26
C GLY B 13 23.90 -20.95 3.82
N GLY B 14 23.32 -21.48 4.89
CA GLY B 14 23.83 -22.70 5.50
C GLY B 14 24.81 -22.40 6.64
N THR B 15 25.56 -21.29 6.52
CA THR B 15 26.51 -20.91 7.57
C THR B 15 26.06 -19.64 8.30
N GLY B 16 25.70 -19.84 9.57
CA GLY B 16 25.21 -18.74 10.39
C GLY B 16 23.69 -18.69 10.36
N ASP B 17 23.05 -19.82 10.04
CA ASP B 17 21.59 -19.89 9.98
C ASP B 17 21.02 -19.78 11.39
N VAL B 18 19.78 -19.35 11.49
CA VAL B 18 19.14 -19.29 12.78
C VAL B 18 18.00 -20.28 12.75
N THR B 19 18.11 -21.33 13.56
CA THR B 19 17.09 -22.34 13.66
C THR B 19 16.28 -22.02 14.90
N VAL B 20 14.99 -22.28 14.81
CA VAL B 20 14.10 -21.99 15.90
C VAL B 20 13.41 -23.32 16.21
N ALA B 21 13.31 -23.66 17.48
CA ALA B 21 12.74 -24.95 17.86
C ALA B 21 11.59 -24.90 18.84
N PRO B 22 10.70 -25.91 18.78
CA PRO B 22 9.53 -25.99 19.67
C PRO B 22 9.96 -25.75 21.11
N SER B 23 9.27 -24.85 21.80
CA SER B 23 9.62 -24.53 23.18
C SER B 23 8.46 -24.44 24.17
N ASN B 24 7.23 -24.41 23.69
CA ASN B 24 6.08 -24.33 24.59
C ASN B 24 4.80 -24.59 23.81
N PHE B 25 3.79 -25.15 24.49
CA PHE B 25 2.52 -25.42 23.84
C PHE B 25 1.35 -25.12 24.78
N ALA B 26 1.63 -24.34 25.82
CA ALA B 26 0.60 -23.99 26.78
C ALA B 26 -0.57 -23.24 26.14
N ASN B 27 -1.77 -23.75 26.34
CA ASN B 27 -2.99 -23.12 25.82
C ASN B 27 -3.21 -23.06 24.32
N GLY B 28 -2.69 -24.04 23.59
CA GLY B 28 -2.88 -24.02 22.15
C GLY B 28 -1.97 -23.04 21.42
N VAL B 29 -1.23 -22.23 22.18
CA VAL B 29 -0.31 -21.28 21.57
C VAL B 29 1.04 -21.98 21.39
N ALA B 30 1.39 -22.31 20.15
CA ALA B 30 2.66 -22.96 19.88
C ALA B 30 3.76 -21.91 19.89
N GLU B 31 4.90 -22.26 20.46
CA GLU B 31 6.04 -21.34 20.54
C GLU B 31 7.33 -22.01 20.08
N TRP B 32 8.19 -21.23 19.46
CA TRP B 32 9.49 -21.67 18.97
C TRP B 32 10.49 -20.60 19.41
N ILE B 33 11.69 -21.00 19.82
CA ILE B 33 12.73 -20.04 20.18
C ILE B 33 14.09 -20.54 19.73
N SER B 34 15.01 -19.61 19.53
CA SER B 34 16.37 -19.97 19.14
C SER B 34 17.11 -20.34 20.42
N SER B 35 18.33 -20.81 20.25
CA SER B 35 19.15 -21.22 21.39
C SER B 35 19.88 -20.02 21.97
N ASN B 36 19.17 -19.23 22.76
CA ASN B 36 19.71 -18.01 23.36
C ASN B 36 19.02 -17.75 24.68
N SER B 37 19.45 -16.69 25.36
CA SER B 37 18.82 -16.29 26.60
C SER B 37 17.48 -15.76 26.07
N ARG B 38 16.44 -15.72 26.88
CA ARG B 38 15.17 -15.25 26.35
C ARG B 38 15.14 -13.78 26.01
N SER B 39 16.11 -13.03 26.53
CA SER B 39 16.18 -11.61 26.25
C SER B 39 16.79 -11.37 24.86
N GLN B 40 17.52 -12.35 24.35
CA GLN B 40 18.17 -12.19 23.04
C GLN B 40 17.73 -13.19 21.99
N ALA B 41 16.72 -13.99 22.29
CA ALA B 41 16.26 -15.01 21.39
C ALA B 41 15.33 -14.56 20.28
N TYR B 42 15.25 -15.42 19.26
CA TYR B 42 14.34 -15.20 18.16
C TYR B 42 13.15 -15.98 18.67
N LYS B 43 11.97 -15.38 18.68
CA LYS B 43 10.78 -16.07 19.15
C LYS B 43 9.64 -16.02 18.15
N VAL B 44 8.95 -17.14 17.99
CA VAL B 44 7.82 -17.24 17.10
C VAL B 44 6.68 -17.95 17.84
N THR B 45 5.50 -17.35 17.83
CA THR B 45 4.32 -17.96 18.46
C THR B 45 3.21 -17.94 17.43
N CYS B 46 2.32 -18.92 17.51
CA CYS B 46 1.21 -19.01 16.56
C CYS B 46 0.00 -19.70 17.18
N SER B 47 -1.18 -19.20 16.87
CA SER B 47 -2.41 -19.81 17.37
C SER B 47 -3.53 -19.54 16.38
N VAL B 48 -4.57 -20.36 16.42
CA VAL B 48 -5.73 -20.21 15.54
C VAL B 48 -6.98 -20.28 16.40
N ARG B 49 -8.03 -19.61 15.94
CA ARG B 49 -9.29 -19.59 16.66
C ARG B 49 -10.39 -19.17 15.72
N GLN B 50 -11.62 -19.43 16.13
CA GLN B 50 -12.79 -19.03 15.37
C GLN B 50 -13.19 -17.71 16.03
N SER B 51 -12.84 -16.60 15.40
CA SER B 51 -13.13 -15.29 15.96
C SER B 51 -14.61 -14.91 15.98
N SER B 52 -15.36 -15.41 14.99
CA SER B 52 -16.79 -15.16 14.89
C SER B 52 -17.40 -16.29 14.08
N ALA B 53 -18.69 -16.21 13.81
CA ALA B 53 -19.36 -17.26 13.06
C ALA B 53 -18.89 -17.35 11.61
N GLN B 54 -18.45 -16.21 11.07
CA GLN B 54 -18.02 -16.15 9.67
C GLN B 54 -16.51 -16.26 9.45
N ASN B 55 -15.70 -15.98 10.47
CA ASN B 55 -14.25 -16.02 10.32
C ASN B 55 -13.42 -16.87 11.28
N ARG B 56 -12.23 -17.24 10.83
CA ARG B 56 -11.27 -17.95 11.64
C ARG B 56 -10.09 -16.97 11.64
N LYS B 57 -9.30 -16.94 12.71
CA LYS B 57 -8.20 -15.99 12.77
C LYS B 57 -6.88 -16.58 13.29
N TYR B 58 -5.79 -16.37 12.54
CA TYR B 58 -4.48 -16.84 12.94
C TYR B 58 -3.74 -15.64 13.53
N THR B 59 -3.16 -15.80 14.71
CA THR B 59 -2.38 -14.73 15.33
C THR B 59 -0.95 -15.26 15.37
N ILE B 60 -0.06 -14.56 14.68
CA ILE B 60 1.34 -14.94 14.61
C ILE B 60 2.21 -13.80 15.10
N LYS B 61 3.08 -14.10 16.05
CA LYS B 61 3.97 -13.09 16.59
C LYS B 61 5.42 -13.52 16.44
N VAL B 62 6.28 -12.56 16.11
CA VAL B 62 7.69 -12.83 15.94
C VAL B 62 8.50 -11.77 16.66
N GLU B 63 9.55 -12.18 17.35
CA GLU B 63 10.42 -11.25 18.05
C GLU B 63 11.82 -11.47 17.47
N VAL B 64 12.46 -10.38 17.06
CA VAL B 64 13.79 -10.43 16.46
C VAL B 64 14.75 -9.54 17.25
N PRO B 65 15.90 -10.08 17.66
CA PRO B 65 16.88 -9.32 18.42
C PRO B 65 17.73 -8.35 17.58
N LYS B 66 18.11 -7.23 18.18
CA LYS B 66 18.98 -6.30 17.51
C LYS B 66 20.33 -6.96 17.73
N VAL B 67 21.08 -7.19 16.66
CA VAL B 67 22.36 -7.87 16.77
C VAL B 67 23.61 -6.97 16.79
N ALA B 68 23.61 -5.88 16.03
CA ALA B 68 24.76 -4.99 16.00
C ALA B 68 25.13 -4.46 17.38
N THR B 69 26.39 -4.67 17.77
CA THR B 69 26.98 -4.26 19.05
C THR B 69 26.42 -5.04 20.23
N GLN B 70 25.74 -6.13 19.94
CA GLN B 70 25.16 -7.00 20.94
C GLN B 70 26.24 -7.71 21.76
N THR B 71 26.01 -7.89 23.05
CA THR B 71 26.94 -8.61 23.93
C THR B 71 26.25 -9.93 24.25
N VAL B 72 26.66 -11.01 23.58
CA VAL B 72 26.04 -12.32 23.78
C VAL B 72 25.99 -12.76 25.24
N GLY B 73 24.77 -13.06 25.70
CA GLY B 73 24.58 -13.51 27.07
C GLY B 73 24.55 -12.40 28.10
N GLY B 74 24.71 -11.16 27.66
CA GLY B 74 24.70 -10.04 28.59
C GLY B 74 23.34 -9.45 28.90
N VAL B 75 23.33 -8.52 29.85
CA VAL B 75 22.11 -7.84 30.25
C VAL B 75 22.07 -6.52 29.49
N GLU B 76 21.09 -6.38 28.60
CA GLU B 76 20.95 -5.19 27.78
C GLU B 76 19.64 -4.46 28.05
N LEU B 77 19.74 -3.27 28.62
CA LEU B 77 18.57 -2.45 28.92
C LEU B 77 18.67 -1.10 28.21
N PRO B 78 17.53 -0.49 27.87
CA PRO B 78 16.19 -1.03 28.10
C PRO B 78 15.87 -2.10 27.07
N VAL B 79 14.96 -3.00 27.42
CA VAL B 79 14.56 -4.08 26.54
C VAL B 79 14.04 -3.59 25.19
N ALA B 80 13.28 -2.51 25.20
CA ALA B 80 12.69 -1.95 23.99
C ALA B 80 13.68 -1.47 22.94
N ALA B 81 14.91 -1.19 23.35
CA ALA B 81 15.91 -0.71 22.42
C ALA B 81 16.62 -1.85 21.71
N TRP B 82 16.46 -3.06 22.21
CA TRP B 82 17.13 -4.21 21.63
C TRP B 82 16.26 -5.26 20.97
N ARG B 83 14.98 -4.94 20.78
CA ARG B 83 14.10 -5.92 20.16
C ARG B 83 13.04 -5.35 19.24
N SER B 84 12.77 -6.09 18.19
CA SER B 84 11.76 -5.72 17.21
C SER B 84 10.61 -6.69 17.36
N TYR B 85 9.39 -6.19 17.21
CA TYR B 85 8.20 -7.03 17.35
C TYR B 85 7.32 -7.03 16.11
N LEU B 86 6.97 -8.22 15.65
CA LEU B 86 6.11 -8.39 14.50
C LEU B 86 4.80 -9.02 14.98
N ASN B 87 3.70 -8.40 14.64
CA ASN B 87 2.39 -8.93 15.02
C ASN B 87 1.54 -9.08 13.76
N MET B 88 1.22 -10.32 13.43
CA MET B 88 0.42 -10.64 12.25
C MET B 88 -0.91 -11.30 12.59
N GLU B 89 -1.98 -10.80 12.00
CA GLU B 89 -3.29 -11.38 12.19
C GLU B 89 -3.84 -11.64 10.81
N LEU B 90 -4.23 -12.89 10.57
CA LEU B 90 -4.78 -13.29 9.29
C LEU B 90 -6.22 -13.76 9.51
N THR B 91 -7.16 -13.05 8.89
CA THR B 91 -8.59 -13.38 9.00
C THR B 91 -9.02 -14.08 7.73
N ILE B 92 -9.53 -15.30 7.87
CA ILE B 92 -9.96 -16.10 6.73
C ILE B 92 -11.40 -16.56 6.91
N PRO B 93 -12.31 -16.15 6.00
CA PRO B 93 -13.73 -16.56 6.08
C PRO B 93 -13.87 -18.08 6.06
N ILE B 94 -14.85 -18.60 6.79
CA ILE B 94 -15.05 -20.05 6.87
C ILE B 94 -15.29 -20.75 5.53
N PHE B 95 -15.54 -20.01 4.47
CA PHE B 95 -15.80 -20.62 3.16
C PHE B 95 -14.54 -20.94 2.36
N ALA B 96 -13.38 -20.52 2.85
CA ALA B 96 -12.13 -20.74 2.15
C ALA B 96 -11.70 -22.21 2.08
N THR B 97 -11.45 -22.69 0.87
CA THR B 97 -11.01 -24.07 0.68
C THR B 97 -9.50 -24.10 0.90
N ASN B 98 -8.90 -25.28 0.79
CA ASN B 98 -7.46 -25.40 0.95
C ASN B 98 -6.81 -24.62 -0.18
N SER B 99 -7.41 -24.70 -1.38
CA SER B 99 -6.88 -23.99 -2.54
C SER B 99 -6.88 -22.49 -2.30
N ASP B 100 -7.98 -21.99 -1.75
CA ASP B 100 -8.08 -20.57 -1.46
C ASP B 100 -6.97 -20.19 -0.48
N CYS B 101 -6.78 -21.00 0.54
CA CYS B 101 -5.77 -20.73 1.55
C CYS B 101 -4.34 -20.82 1.01
N GLU B 102 -4.15 -21.64 0.00
CA GLU B 102 -2.83 -21.78 -0.60
C GLU B 102 -2.48 -20.50 -1.33
N LEU B 103 -3.49 -19.91 -1.96
CA LEU B 103 -3.30 -18.68 -2.70
C LEU B 103 -3.03 -17.53 -1.71
N ILE B 104 -3.62 -17.61 -0.53
CA ILE B 104 -3.41 -16.59 0.49
C ILE B 104 -1.96 -16.64 0.99
N VAL B 105 -1.39 -17.84 1.08
CA VAL B 105 -0.02 -18.00 1.52
C VAL B 105 0.93 -17.43 0.46
N LYS B 106 0.59 -17.62 -0.82
CA LYS B 106 1.40 -17.11 -1.91
C LYS B 106 1.43 -15.58 -1.90
N ALA B 107 0.30 -15.00 -1.54
CA ALA B 107 0.21 -13.56 -1.50
C ALA B 107 1.15 -13.03 -0.42
N MET B 108 1.24 -13.74 0.70
CA MET B 108 2.12 -13.33 1.80
C MET B 108 3.58 -13.48 1.39
N GLN B 109 3.89 -14.56 0.67
CA GLN B 109 5.25 -14.78 0.21
C GLN B 109 5.63 -13.73 -0.82
N GLY B 110 4.70 -13.38 -1.70
CA GLY B 110 4.95 -12.39 -2.72
C GLY B 110 5.16 -11.01 -2.12
N LEU B 111 4.40 -10.70 -1.08
CA LEU B 111 4.52 -9.42 -0.41
C LEU B 111 5.93 -9.18 0.14
N LEU B 112 6.55 -10.23 0.68
CA LEU B 112 7.86 -10.12 1.29
C LEU B 112 9.04 -10.61 0.46
N LYS B 113 8.80 -10.99 -0.79
CA LYS B 113 9.89 -11.48 -1.62
C LYS B 113 10.97 -10.43 -1.82
N ASP B 114 12.21 -10.88 -1.84
CA ASP B 114 13.36 -10.01 -2.03
C ASP B 114 13.22 -9.11 -3.25
N GLY B 115 13.51 -7.83 -3.09
CA GLY B 115 13.42 -6.91 -4.21
C GLY B 115 12.11 -6.14 -4.30
N ASN B 116 11.06 -6.65 -3.65
CA ASN B 116 9.78 -5.96 -3.68
C ASN B 116 9.79 -4.75 -2.76
N PRO B 117 8.87 -3.81 -2.99
CA PRO B 117 8.75 -2.58 -2.19
C PRO B 117 8.80 -2.67 -0.67
N ILE B 118 7.89 -3.42 -0.07
CA ILE B 118 7.85 -3.52 1.39
C ILE B 118 9.16 -4.01 2.02
N PRO B 119 9.66 -5.18 1.63
CA PRO B 119 10.91 -5.59 2.27
C PRO B 119 12.09 -4.65 2.00
N SER B 120 12.10 -4.01 0.84
CA SER B 120 13.17 -3.07 0.50
C SER B 120 13.14 -1.86 1.40
N ALA B 121 11.93 -1.38 1.68
CA ALA B 121 11.76 -0.22 2.54
C ALA B 121 12.22 -0.55 3.96
N ILE B 122 11.70 -1.65 4.48
CA ILE B 122 12.05 -2.08 5.82
C ILE B 122 13.56 -2.26 5.99
N ALA B 123 14.18 -2.96 5.05
CA ALA B 123 15.61 -3.21 5.14
C ALA B 123 16.47 -1.95 5.00
N ALA B 124 15.92 -0.90 4.41
CA ALA B 124 16.70 0.33 4.24
C ALA B 124 16.28 1.42 5.22
N ASN B 125 15.63 1.02 6.31
CA ASN B 125 15.16 1.98 7.31
C ASN B 125 14.38 3.10 6.66
N SER B 126 13.61 2.76 5.62
CA SER B 126 12.83 3.75 4.89
C SER B 126 11.33 3.51 4.87
N GLY B 127 10.64 4.45 4.24
CA GLY B 127 9.21 4.37 4.07
C GLY B 127 9.01 4.23 2.56
N ILE B 128 7.85 4.62 2.05
CA ILE B 128 7.59 4.54 0.62
C ILE B 128 7.78 5.92 -0.01
N TYR B 129 8.46 5.99 -1.16
CA TYR B 129 8.71 7.25 -1.85
C TYR B 129 8.82 7.08 -3.37
N ALA C 1 7.86 4.65 -9.02
CA ALA C 1 6.80 5.14 -9.97
C ALA C 1 6.03 6.30 -9.31
N SER C 2 5.54 7.24 -10.14
CA SER C 2 4.80 8.38 -9.60
C SER C 2 4.02 9.11 -10.70
N ASN C 3 2.82 9.58 -10.38
CA ASN C 3 2.05 10.35 -11.35
C ASN C 3 1.89 11.76 -10.80
N PHE C 4 2.55 12.01 -9.68
CA PHE C 4 2.54 13.34 -9.07
C PHE C 4 3.77 14.02 -9.64
N THR C 5 3.71 14.31 -10.94
CA THR C 5 4.81 14.93 -11.64
C THR C 5 4.40 16.17 -12.40
N GLN C 6 5.40 16.79 -13.00
CA GLN C 6 5.27 17.99 -13.80
C GLN C 6 4.62 17.65 -15.14
N PHE C 7 3.75 18.52 -15.65
CA PHE C 7 3.11 18.26 -16.93
C PHE C 7 2.69 19.56 -17.60
N VAL C 8 2.51 19.51 -18.91
CA VAL C 8 2.10 20.69 -19.67
C VAL C 8 0.59 20.90 -19.58
N LEU C 9 0.18 22.01 -18.97
CA LEU C 9 -1.24 22.32 -18.83
C LEU C 9 -1.75 23.02 -20.09
N VAL C 10 -0.94 23.94 -20.61
CA VAL C 10 -1.32 24.66 -21.82
C VAL C 10 -0.24 24.42 -22.86
N ASP C 11 -0.66 23.84 -23.97
CA ASP C 11 0.25 23.53 -25.06
C ASP C 11 0.14 24.58 -26.16
N ASN C 12 1.09 25.51 -26.18
CA ASN C 12 1.15 26.58 -27.18
C ASN C 12 2.31 26.26 -28.12
N GLY C 13 2.40 25.00 -28.54
CA GLY C 13 3.49 24.59 -29.41
C GLY C 13 4.64 24.15 -28.51
N GLY C 14 5.85 24.63 -28.82
CA GLY C 14 6.99 24.27 -27.99
C GLY C 14 7.44 25.44 -27.12
N THR C 15 7.00 26.65 -27.49
CA THR C 15 7.37 27.86 -26.74
C THR C 15 6.14 28.74 -26.37
N GLY C 16 6.00 28.97 -25.06
CA GLY C 16 4.88 29.74 -24.55
C GLY C 16 4.05 28.74 -23.75
N ASP C 17 4.54 27.49 -23.70
CA ASP C 17 3.86 26.44 -22.97
C ASP C 17 3.76 26.76 -21.50
N VAL C 18 2.64 26.39 -20.90
CA VAL C 18 2.47 26.61 -19.48
C VAL C 18 2.66 25.25 -18.82
N THR C 19 3.73 25.12 -18.05
CA THR C 19 4.01 23.88 -17.36
C THR C 19 3.65 24.08 -15.90
N VAL C 20 3.06 23.06 -15.30
CA VAL C 20 2.65 23.14 -13.92
C VAL C 20 3.41 22.04 -13.17
N ALA C 21 3.95 22.38 -12.00
CA ALA C 21 4.74 21.42 -11.22
C ALA C 21 4.22 21.15 -9.81
N PRO C 22 4.49 19.95 -9.29
CA PRO C 22 4.04 19.58 -7.94
C PRO C 22 4.47 20.60 -6.89
N SER C 23 3.62 20.83 -5.90
CA SER C 23 4.02 21.77 -4.86
C SER C 23 3.67 21.25 -3.47
N ASN C 24 2.48 20.69 -3.32
CA ASN C 24 2.05 20.22 -2.02
C ASN C 24 1.09 19.05 -2.17
N PHE C 25 1.05 18.16 -1.18
CA PHE C 25 0.17 17.00 -1.20
C PHE C 25 -0.30 16.72 0.23
N ALA C 26 -0.86 17.72 0.88
CA ALA C 26 -1.34 17.59 2.25
C ALA C 26 -2.81 17.22 2.33
N ASN C 27 -3.15 16.34 3.27
CA ASN C 27 -4.52 15.89 3.48
C ASN C 27 -5.26 15.37 2.24
N GLY C 28 -4.60 14.54 1.44
CA GLY C 28 -5.24 13.98 0.27
C GLY C 28 -5.51 14.91 -0.89
N VAL C 29 -5.01 16.14 -0.83
CA VAL C 29 -5.22 17.07 -1.93
C VAL C 29 -3.91 17.36 -2.65
N ALA C 30 -3.75 16.78 -3.83
CA ALA C 30 -2.54 16.99 -4.62
C ALA C 30 -2.69 18.35 -5.28
N GLU C 31 -1.60 19.11 -5.31
CA GLU C 31 -1.60 20.45 -5.90
C GLU C 31 -0.40 20.68 -6.82
N TRP C 32 -0.65 21.31 -7.96
CA TRP C 32 0.36 21.65 -8.94
C TRP C 32 0.28 23.17 -9.16
N ILE C 33 1.43 23.83 -9.31
CA ILE C 33 1.51 25.28 -9.50
C ILE C 33 2.55 25.61 -10.58
N SER C 34 2.26 26.60 -11.44
CA SER C 34 3.24 26.96 -12.47
C SER C 34 4.34 27.79 -11.81
N SER C 35 5.43 28.04 -12.54
CA SER C 35 6.55 28.79 -11.98
C SER C 35 6.35 30.31 -11.87
N ASN C 36 7.30 30.96 -11.22
CA ASN C 36 7.31 32.41 -10.98
C ASN C 36 6.31 32.80 -9.90
N SER C 37 5.99 34.09 -9.81
CA SER C 37 5.07 34.58 -8.79
C SER C 37 3.87 33.69 -8.53
N ARG C 38 3.67 33.31 -7.28
CA ARG C 38 2.55 32.49 -6.89
C ARG C 38 1.28 33.27 -7.20
N SER C 39 1.37 34.59 -7.10
CA SER C 39 0.22 35.46 -7.36
C SER C 39 -0.27 35.45 -8.79
N GLN C 40 0.59 35.10 -9.74
CA GLN C 40 0.22 35.07 -11.17
C GLN C 40 0.24 33.65 -11.73
N ALA C 41 0.39 32.66 -10.86
CA ALA C 41 0.49 31.28 -11.28
C ALA C 41 -0.79 30.52 -11.56
N TYR C 42 -0.66 29.51 -12.42
CA TYR C 42 -1.76 28.62 -12.76
C TYR C 42 -1.77 27.60 -11.63
N LYS C 43 -2.95 27.13 -11.25
CA LYS C 43 -3.06 26.14 -10.19
C LYS C 43 -3.99 25.00 -10.58
N VAL C 44 -3.60 23.79 -10.19
CA VAL C 44 -4.39 22.60 -10.45
C VAL C 44 -4.38 21.80 -9.17
N THR C 45 -5.53 21.24 -8.77
CA THR C 45 -5.56 20.41 -7.58
C THR C 45 -6.40 19.18 -7.92
N CYS C 46 -6.19 18.11 -7.16
CA CYS C 46 -6.90 16.87 -7.38
C CYS C 46 -6.96 16.02 -6.12
N SER C 47 -8.09 15.33 -5.93
CA SER C 47 -8.26 14.45 -4.79
C SER C 47 -9.31 13.40 -5.11
N VAL C 48 -9.28 12.29 -4.39
CA VAL C 48 -10.23 11.20 -4.56
C VAL C 48 -10.68 10.75 -3.19
N ARG C 49 -11.93 10.34 -3.09
CA ARG C 49 -12.45 9.87 -1.82
C ARG C 49 -13.57 8.89 -2.10
N GLN C 50 -13.87 8.06 -1.10
CA GLN C 50 -14.95 7.09 -1.19
C GLN C 50 -16.14 7.90 -0.66
N SER C 51 -16.95 8.46 -1.57
CA SER C 51 -18.10 9.29 -1.17
C SER C 51 -19.22 8.50 -0.51
N SER C 52 -19.34 7.22 -0.89
CA SER C 52 -20.33 6.34 -0.29
C SER C 52 -19.83 4.93 -0.44
N ALA C 53 -20.67 3.95 -0.14
CA ALA C 53 -20.27 2.56 -0.24
C ALA C 53 -20.00 2.13 -1.67
N GLN C 54 -20.75 2.68 -2.62
CA GLN C 54 -20.57 2.27 -4.01
C GLN C 54 -19.81 3.24 -4.90
N ASN C 55 -19.67 4.49 -4.47
CA ASN C 55 -18.99 5.45 -5.31
C ASN C 55 -17.69 6.01 -4.81
N ARG C 56 -16.83 6.36 -5.75
CA ARG C 56 -15.57 7.00 -5.47
C ARG C 56 -15.77 8.33 -6.22
N LYS C 57 -15.20 9.40 -5.70
CA LYS C 57 -15.41 10.70 -6.30
C LYS C 57 -14.14 11.52 -6.46
N TYR C 58 -13.92 12.03 -7.66
CA TYR C 58 -12.75 12.86 -7.92
C TYR C 58 -13.18 14.30 -7.90
N THR C 59 -12.35 15.17 -7.32
CA THR C 59 -12.63 16.59 -7.27
C THR C 59 -11.39 17.24 -7.86
N ILE C 60 -11.56 17.87 -9.02
CA ILE C 60 -10.45 18.50 -9.72
C ILE C 60 -10.71 19.98 -9.88
N LYS C 61 -9.68 20.80 -9.68
CA LYS C 61 -9.83 22.23 -9.82
C LYS C 61 -8.70 22.83 -10.60
N VAL C 62 -9.03 23.82 -11.42
CA VAL C 62 -8.04 24.52 -12.23
C VAL C 62 -8.31 26.01 -12.15
N GLU C 63 -7.24 26.81 -12.09
CA GLU C 63 -7.35 28.25 -12.04
C GLU C 63 -6.49 28.81 -13.14
N VAL C 64 -7.07 29.65 -13.99
CA VAL C 64 -6.35 30.27 -15.07
C VAL C 64 -6.33 31.76 -14.78
N PRO C 65 -5.15 32.34 -14.62
CA PRO C 65 -5.05 33.77 -14.32
C PRO C 65 -4.86 34.67 -15.53
N LYS C 66 -5.18 35.93 -15.34
CA LYS C 66 -4.98 36.95 -16.35
C LYS C 66 -3.86 37.78 -15.73
N VAL C 67 -2.65 37.57 -16.23
CA VAL C 67 -1.47 38.28 -15.74
C VAL C 67 -1.59 39.79 -15.93
N ALA C 68 -1.23 40.53 -14.90
CA ALA C 68 -1.28 42.00 -14.94
C ALA C 68 -0.35 42.55 -13.87
N THR C 69 -0.01 43.83 -14.01
CA THR C 69 0.85 44.48 -13.04
C THR C 69 0.00 45.48 -12.28
N GLN C 70 0.04 45.42 -10.95
CA GLN C 70 -0.74 46.35 -10.14
C GLN C 70 0.15 47.50 -9.65
N THR C 71 -0.37 48.72 -9.75
CA THR C 71 0.38 49.88 -9.30
C THR C 71 -0.45 50.65 -8.31
N VAL C 72 0.04 50.71 -7.07
CA VAL C 72 -0.64 51.44 -6.02
C VAL C 72 0.39 52.28 -5.27
N GLY C 73 0.21 53.60 -5.33
CA GLY C 73 1.14 54.51 -4.68
C GLY C 73 2.52 54.44 -5.31
N GLY C 74 2.59 54.09 -6.59
CA GLY C 74 3.89 54.01 -7.23
C GLY C 74 4.58 52.66 -7.02
N VAL C 75 3.99 51.81 -6.17
CA VAL C 75 4.56 50.49 -5.89
C VAL C 75 3.89 49.44 -6.78
N GLU C 76 4.65 48.82 -7.69
CA GLU C 76 4.04 47.81 -8.53
C GLU C 76 4.34 46.38 -8.09
N LEU C 77 3.28 45.56 -8.13
CA LEU C 77 3.33 44.17 -7.73
C LEU C 77 2.78 43.29 -8.84
N PRO C 78 3.33 42.09 -9.01
CA PRO C 78 2.86 41.17 -10.05
C PRO C 78 1.58 40.57 -9.46
N VAL C 79 0.47 40.68 -10.19
CA VAL C 79 -0.78 40.15 -9.69
C VAL C 79 -1.57 39.50 -10.81
N ALA C 80 -2.77 39.04 -10.48
CA ALA C 80 -3.67 38.46 -11.46
C ALA C 80 -4.84 39.43 -11.50
N ALA C 81 -5.10 40.03 -12.66
CA ALA C 81 -6.20 40.97 -12.80
C ALA C 81 -7.49 40.28 -12.33
N TRP C 82 -7.62 39.02 -12.72
CA TRP C 82 -8.76 38.19 -12.33
C TRP C 82 -8.41 36.73 -12.64
N ARG C 83 -9.28 35.81 -12.24
CA ARG C 83 -9.04 34.40 -12.49
C ARG C 83 -10.29 33.68 -12.98
N SER C 84 -10.08 32.66 -13.81
CA SER C 84 -11.17 31.84 -14.31
C SER C 84 -11.06 30.54 -13.49
N TYR C 85 -12.19 30.04 -12.99
CA TYR C 85 -12.17 28.82 -12.17
C TYR C 85 -12.93 27.65 -12.76
N LEU C 86 -12.28 26.49 -12.76
CA LEU C 86 -12.88 25.26 -13.26
C LEU C 86 -13.01 24.29 -12.10
N ASN C 87 -14.22 23.83 -11.82
CA ASN C 87 -14.44 22.86 -10.75
C ASN C 87 -15.15 21.65 -11.34
N MET C 88 -14.57 20.46 -11.18
CA MET C 88 -15.25 19.30 -11.71
C MET C 88 -15.24 18.12 -10.76
N GLU C 89 -16.39 17.46 -10.66
CA GLU C 89 -16.56 16.30 -9.82
C GLU C 89 -16.89 15.13 -10.73
N LEU C 90 -16.20 14.02 -10.52
CA LEU C 90 -16.42 12.83 -11.32
C LEU C 90 -16.72 11.63 -10.41
N THR C 91 -17.95 11.12 -10.48
CA THR C 91 -18.35 9.98 -9.66
C THR C 91 -18.26 8.70 -10.47
N ILE C 92 -17.52 7.72 -9.95
CA ILE C 92 -17.32 6.44 -10.62
C ILE C 92 -17.58 5.28 -9.66
N PRO C 93 -18.64 4.50 -9.92
CA PRO C 93 -19.02 3.34 -9.10
C PRO C 93 -17.86 2.35 -8.96
N ILE C 94 -17.77 1.69 -7.81
CA ILE C 94 -16.69 0.73 -7.59
C ILE C 94 -16.71 -0.49 -8.50
N PHE C 95 -17.77 -0.65 -9.29
CA PHE C 95 -17.87 -1.78 -10.20
C PHE C 95 -17.16 -1.55 -11.53
N ALA C 96 -16.74 -0.32 -11.77
CA ALA C 96 -16.06 0.02 -13.02
C ALA C 96 -14.69 -0.63 -13.14
N THR C 97 -14.49 -1.37 -14.22
CA THR C 97 -13.20 -2.02 -14.45
C THR C 97 -12.28 -0.95 -15.03
N ASN C 98 -11.05 -1.32 -15.38
CA ASN C 98 -10.12 -0.37 -15.96
C ASN C 98 -10.62 0.01 -17.36
N SER C 99 -11.22 -0.96 -18.05
CA SER C 99 -11.75 -0.70 -19.39
C SER C 99 -12.83 0.35 -19.33
N ASP C 100 -13.70 0.25 -18.32
CA ASP C 100 -14.77 1.20 -18.15
C ASP C 100 -14.21 2.60 -17.89
N CYS C 101 -13.18 2.69 -17.05
CA CYS C 101 -12.58 3.98 -16.72
C CYS C 101 -11.92 4.66 -17.93
N GLU C 102 -11.35 3.86 -18.82
CA GLU C 102 -10.71 4.40 -20.01
C GLU C 102 -11.76 5.01 -20.92
N LEU C 103 -12.95 4.42 -20.93
CA LEU C 103 -14.04 4.95 -21.74
C LEU C 103 -14.50 6.28 -21.16
N ILE C 104 -14.52 6.38 -19.84
CA ILE C 104 -14.93 7.61 -19.17
C ILE C 104 -13.96 8.73 -19.53
N VAL C 105 -12.67 8.40 -19.57
CA VAL C 105 -11.67 9.40 -19.92
C VAL C 105 -11.84 9.82 -21.38
N LYS C 106 -12.15 8.88 -22.26
CA LYS C 106 -12.35 9.21 -23.67
C LYS C 106 -13.53 10.14 -23.84
N ALA C 107 -14.56 9.95 -23.03
CA ALA C 107 -15.75 10.78 -23.11
C ALA C 107 -15.39 12.20 -22.71
N MET C 108 -14.52 12.34 -21.70
CA MET C 108 -14.12 13.66 -21.25
C MET C 108 -13.28 14.36 -22.30
N GLN C 109 -12.39 13.63 -22.96
CA GLN C 109 -11.55 14.21 -23.99
C GLN C 109 -12.39 14.58 -25.20
N GLY C 110 -13.36 13.74 -25.53
CA GLY C 110 -14.23 13.99 -26.67
C GLY C 110 -15.10 15.22 -26.48
N LEU C 111 -15.60 15.40 -25.26
CA LEU C 111 -16.44 16.55 -24.93
C LEU C 111 -15.71 17.87 -25.21
N LEU C 112 -14.41 17.88 -25.04
CA LEU C 112 -13.59 19.09 -25.21
C LEU C 112 -12.72 19.22 -26.47
N LYS C 113 -12.80 18.26 -27.37
CA LYS C 113 -11.98 18.28 -28.59
C LYS C 113 -12.30 19.51 -29.45
N ASP C 114 -11.28 20.08 -30.08
CA ASP C 114 -11.50 21.26 -30.93
C ASP C 114 -12.58 20.99 -31.97
N GLY C 115 -13.45 21.96 -32.19
CA GLY C 115 -14.50 21.80 -33.17
C GLY C 115 -15.83 21.36 -32.61
N ASN C 116 -15.81 20.67 -31.46
CA ASN C 116 -17.05 20.22 -30.86
C ASN C 116 -17.80 21.40 -30.23
N PRO C 117 -19.12 21.26 -30.08
CA PRO C 117 -20.01 22.27 -29.51
C PRO C 117 -19.60 23.01 -28.25
N ILE C 118 -19.24 22.28 -27.20
CA ILE C 118 -18.89 22.93 -25.95
C ILE C 118 -17.61 23.74 -25.95
N PRO C 119 -16.49 23.18 -26.43
CA PRO C 119 -15.30 24.03 -26.42
C PRO C 119 -15.42 25.23 -27.37
N SER C 120 -16.18 25.07 -28.44
CA SER C 120 -16.38 26.16 -29.39
C SER C 120 -17.17 27.30 -28.76
N ALA C 121 -18.20 26.97 -28.00
CA ALA C 121 -18.99 27.98 -27.34
C ALA C 121 -18.13 28.76 -26.33
N ILE C 122 -17.43 28.03 -25.47
CA ILE C 122 -16.60 28.66 -24.46
C ILE C 122 -15.55 29.58 -25.09
N ALA C 123 -14.82 29.07 -26.08
CA ALA C 123 -13.78 29.82 -26.76
C ALA C 123 -14.28 31.11 -27.40
N ALA C 124 -15.59 31.19 -27.66
CA ALA C 124 -16.15 32.37 -28.30
C ALA C 124 -17.07 33.19 -27.39
N ASN C 125 -16.89 33.08 -26.08
CA ASN C 125 -17.73 33.84 -25.15
C ASN C 125 -19.19 33.59 -25.47
N SER C 126 -19.52 32.39 -25.96
CA SER C 126 -20.90 32.08 -26.34
C SER C 126 -21.54 30.91 -25.61
N GLY C 127 -22.84 30.77 -25.85
CA GLY C 127 -23.59 29.67 -25.26
C GLY C 127 -23.96 28.73 -26.39
N ILE C 128 -25.05 27.99 -26.23
CA ILE C 128 -25.50 27.08 -27.27
C ILE C 128 -26.56 27.81 -28.10
N TYR C 129 -26.58 27.57 -29.40
CA TYR C 129 -27.57 28.22 -30.26
C TYR C 129 -27.82 27.42 -31.53
P 5BU D 11 -14.56 -4.07 4.36
OP1 5BU D 11 -14.69 -2.74 3.71
OP2 5BU D 11 -13.94 -5.19 3.60
O5' 5BU D 11 -13.74 -3.90 5.71
C5' 5BU D 11 -13.80 -2.68 6.44
C4' 5BU D 11 -12.40 -2.20 6.76
O4' 5BU D 11 -11.80 -3.09 7.74
C3' 5BU D 11 -11.43 -2.16 5.58
O3' 5BU D 11 -10.47 -1.13 5.81
C2' 5BU D 11 -10.73 -3.51 5.69
O2' 5BU D 11 -9.46 -3.53 5.08
C1' 5BU D 11 -10.61 -3.63 7.21
N1 5BU D 11 -10.46 -4.99 7.74
C2 5BU D 11 -9.22 -5.42 8.16
O2 5BU D 11 -8.15 -4.63 8.03
N3 5BU D 11 -9.07 -6.67 8.72
C4 5BU D 11 -10.16 -7.51 8.85
O4 5BU D 11 -10.02 -8.69 9.48
C5 5BU D 11 -11.43 -7.09 8.40
C6 5BU D 11 -11.56 -5.82 7.85
BR 5BU D 11 -12.89 -8.23 8.48
P 5BU E 11 -9.56 33.24 -4.45
OP1 5BU E 11 -8.61 33.01 -3.32
OP2 5BU E 11 -9.05 33.31 -5.83
O5' 5BU E 11 -10.69 32.11 -4.38
C5' 5BU E 11 -11.06 31.51 -3.13
C4' 5BU E 11 -11.33 30.02 -3.30
O4' 5BU E 11 -12.56 29.83 -4.05
C3' 5BU E 11 -10.26 29.20 -4.01
O3' 5BU E 11 -10.26 27.88 -3.47
C2' 5BU E 11 -10.81 29.12 -5.45
O2' 5BU E 11 -10.34 28.00 -6.16
C1' 5BU E 11 -12.30 28.99 -5.16
N1 5BU E 11 -13.20 29.37 -6.27
C2 5BU E 11 -13.70 28.38 -7.11
O2 5BU E 11 -13.32 27.10 -6.96
N3 5BU E 11 -14.59 28.71 -8.12
C4 5BU E 11 -14.96 30.03 -8.32
O4 5BU E 11 -15.88 30.33 -9.24
C5 5BU E 11 -14.44 31.04 -7.49
C6 5BU E 11 -13.56 30.69 -6.46
BR 5BU E 11 -14.84 32.82 -7.81
#